data_6SUN
#
_entry.id   6SUN
#
_cell.length_a   126.640
_cell.length_b   54.460
_cell.length_c   64.630
_cell.angle_alpha   90.000
_cell.angle_beta   113.280
_cell.angle_gamma   90.000
#
_symmetry.space_group_name_H-M   'C 1 2 1'
#
loop_
_entity.id
_entity.type
_entity.pdbx_description
1 polymer 'APH domain-containing protein, amicoumacin kinase'
2 non-polymer 'CALCIUM ION'
3 non-polymer 'PHOSPHOAMINOPHOSPHONIC ACID-ADENYLATE ESTER'
4 non-polymer 'Amicoumacin A'
5 water water
#
_entity_poly.entity_id   1
_entity_poly.type   'polypeptide(L)'
_entity_poly.pdbx_seq_one_letter_code
;MHKEVKARYDEQMVLKKAALLYHFQPEQVTFLADAENYVYEYTDEKGSSYILKITHTIRRSSTYILGEMDWIRYLSQHGI
SVAKPVLSARGKDVEAIPDQAGGAFLLRVYEKAPGRKVTEADWNGQLFQALGAYTGRMHQTTKQYQVKDPRYKRQEWYEE
EQLKLETYIPSDQTVVLQRKDELMQKLHQLRISKDVYGLVHADLHHGNFHYHQGEIIAFDFDDCGYHWFINDISILLYNV
LWYPVIPYEDKAEFTGEFMSHFLKGYRQENELDDAWLATIPDFLMLRHMLIYGLLHQAFDLRTLSADESAMLARFRKEIE
DKTPITPFDFHQLTT
;
_entity_poly.pdbx_strand_id   A
#
loop_
_chem_comp.id
_chem_comp.type
_chem_comp.name
_chem_comp.formula
ANP non-polymer 'PHOSPHOAMINOPHOSPHONIC ACID-ADENYLATE ESTER' 'C10 H17 N6 O12 P3'
CA non-polymer 'CALCIUM ION' 'Ca 2'
UAM non-polymer 'Amicoumacin A' 'C20 H29 N3 O7'
#
# COMPACT_ATOMS: atom_id res chain seq x y z
N MET A 1 2.56 2.81 17.01
CA MET A 1 1.28 2.02 16.93
C MET A 1 0.15 2.65 17.77
N HIS A 2 -0.97 1.94 17.81
CA HIS A 2 -2.00 2.06 18.87
C HIS A 2 -1.37 2.05 20.28
N LYS A 3 -1.78 2.97 21.18
CA LYS A 3 -1.15 3.10 22.51
C LYS A 3 -1.29 1.86 23.41
N GLU A 4 -2.40 1.14 23.26
CA GLU A 4 -2.57 -0.11 24.00
C GLU A 4 -1.55 -1.16 23.57
N VAL A 5 -1.29 -1.25 22.27
CA VAL A 5 -0.32 -2.18 21.75
C VAL A 5 1.07 -1.79 22.28
N LYS A 6 1.39 -0.50 22.20
CA LYS A 6 2.66 -0.01 22.69
C LYS A 6 2.80 -0.34 24.20
N ALA A 7 1.74 -0.15 24.96
CA ALA A 7 1.76 -0.47 26.40
C ALA A 7 2.09 -1.94 26.70
N ARG A 8 1.60 -2.83 25.84
CA ARG A 8 1.81 -4.28 26.00
C ARG A 8 3.10 -4.83 25.42
N TYR A 9 3.83 -4.01 24.65
CA TYR A 9 4.98 -4.49 23.93
C TYR A 9 6.23 -4.52 24.80
N ASP A 10 6.69 -5.73 25.08
CA ASP A 10 7.96 -5.96 25.73
C ASP A 10 8.92 -6.29 24.59
N GLU A 11 9.61 -5.25 24.10
CA GLU A 11 10.44 -5.39 22.88
C GLU A 11 11.52 -6.45 23.04
N GLN A 12 12.21 -6.46 24.18
CA GLN A 12 13.29 -7.42 24.40
C GLN A 12 12.81 -8.87 24.40
N MET A 13 11.68 -9.11 25.09
CA MET A 13 11.04 -10.44 25.16
C MET A 13 10.58 -10.90 23.78
N VAL A 14 9.94 -10.00 23.04
CA VAL A 14 9.44 -10.32 21.70
C VAL A 14 10.58 -10.64 20.73
N LEU A 15 11.62 -9.81 20.73
CA LEU A 15 12.79 -10.07 19.87
C LEU A 15 13.56 -11.32 20.29
N LYS A 16 13.59 -11.62 21.60
CA LYS A 16 14.20 -12.87 22.07
C LYS A 16 13.44 -14.07 21.52
N LYS A 17 12.11 -14.03 21.59
CA LYS A 17 11.30 -15.09 21.04
C LYS A 17 11.41 -15.17 19.50
N ALA A 18 11.44 -14.01 18.84
CA ALA A 18 11.59 -13.97 17.38
C ALA A 18 12.92 -14.59 16.93
N ALA A 19 13.96 -14.32 17.70
CA ALA A 19 15.29 -14.85 17.40
C ALA A 19 15.28 -16.39 17.38
N LEU A 20 14.52 -16.99 18.29
CA LEU A 20 14.37 -18.45 18.36
C LEU A 20 13.52 -18.97 17.22
N LEU A 21 12.43 -18.26 16.92
CA LEU A 21 11.51 -18.68 15.86
C LEU A 21 12.09 -18.58 14.44
N TYR A 22 12.98 -17.61 14.23
CA TYR A 22 13.53 -17.33 12.91
C TYR A 22 15.05 -17.52 12.79
N HIS A 23 15.70 -18.11 13.80
CA HIS A 23 17.11 -18.50 13.74
C HIS A 23 18.05 -17.32 13.43
N PHE A 24 17.98 -16.28 14.26
CA PHE A 24 18.93 -15.17 14.18
C PHE A 24 19.44 -14.77 15.55
N GLN A 25 20.52 -14.00 15.58
CA GLN A 25 21.10 -13.51 16.82
C GLN A 25 20.62 -12.09 17.12
N PRO A 26 20.25 -11.79 18.39
CA PRO A 26 19.77 -10.44 18.78
C PRO A 26 20.65 -9.28 18.32
N GLU A 27 21.97 -9.50 18.30
CA GLU A 27 22.98 -8.51 17.94
C GLU A 27 22.88 -8.09 16.48
N GLN A 28 22.22 -8.90 15.65
CA GLN A 28 22.12 -8.60 14.23
C GLN A 28 20.84 -7.87 13.82
N VAL A 29 20.06 -7.44 14.81
CA VAL A 29 18.81 -6.73 14.55
C VAL A 29 19.01 -5.22 14.49
N THR A 30 18.41 -4.62 13.46
CA THR A 30 18.35 -3.18 13.30
C THR A 30 16.87 -2.75 13.30
N PHE A 31 16.55 -1.77 14.15
CA PHE A 31 15.24 -1.14 14.17
C PHE A 31 15.08 -0.26 12.93
N LEU A 32 13.96 -0.40 12.22
CA LEU A 32 13.65 0.44 11.05
C LEU A 32 12.51 1.41 11.24
N ALA A 33 11.40 0.95 11.85
CA ALA A 33 10.21 1.79 11.96
C ALA A 33 9.28 1.33 13.07
N ASP A 34 8.50 2.26 13.62
CA ASP A 34 7.48 1.94 14.64
C ASP A 34 6.20 2.76 14.52
N ALA A 35 5.99 3.46 13.41
CA ALA A 35 4.85 4.37 13.32
C ALA A 35 3.55 3.60 13.14
N GLU A 36 3.58 2.53 12.34
CA GLU A 36 2.40 1.75 11.97
C GLU A 36 2.47 0.31 12.53
N ASN A 37 3.55 -0.37 12.19
CA ASN A 37 3.94 -1.69 12.69
C ASN A 37 5.33 -1.50 13.29
N TYR A 38 5.80 -2.49 14.07
CA TYR A 38 7.22 -2.50 14.43
C TYR A 38 7.96 -3.25 13.33
N VAL A 39 8.97 -2.61 12.75
CA VAL A 39 9.69 -3.19 11.62
C VAL A 39 11.18 -3.19 11.95
N TYR A 40 11.80 -4.35 11.72
CA TYR A 40 13.21 -4.60 11.99
C TYR A 40 13.84 -5.30 10.79
N GLU A 41 15.15 -5.11 10.66
CA GLU A 41 15.96 -5.87 9.72
C GLU A 41 16.86 -6.78 10.53
N TYR A 42 17.15 -7.95 10.00
CA TYR A 42 18.15 -8.84 10.59
C TYR A 42 18.87 -9.64 9.54
N THR A 43 20.01 -10.19 9.93
CA THR A 43 20.71 -11.16 9.10
C THR A 43 20.79 -12.48 9.82
N ASP A 44 20.77 -13.57 9.07
CA ASP A 44 20.88 -14.90 9.68
C ASP A 44 22.34 -15.36 9.69
N GLU A 45 22.58 -16.59 10.15
CA GLU A 45 23.94 -17.16 10.22
C GLU A 45 24.72 -17.07 8.90
N LYS A 46 24.05 -17.39 7.79
CA LYS A 46 24.71 -17.39 6.47
C LYS A 46 24.88 -16.01 5.83
N GLY A 47 24.33 -14.98 6.46
CA GLY A 47 24.54 -13.59 6.03
C GLY A 47 23.44 -12.99 5.17
N SER A 48 22.36 -13.74 4.94
CA SER A 48 21.20 -13.20 4.21
C SER A 48 20.38 -12.24 5.07
N SER A 49 19.70 -11.31 4.42
CA SER A 49 18.97 -10.25 5.09
C SER A 49 17.46 -10.48 5.01
N TYR A 50 16.78 -10.09 6.09
CA TYR A 50 15.35 -10.34 6.28
C TYR A 50 14.71 -9.15 6.96
N ILE A 51 13.40 -9.04 6.76
CA ILE A 51 12.61 -8.00 7.37
C ILE A 51 11.57 -8.66 8.27
N LEU A 52 11.54 -8.23 9.53
CA LEU A 52 10.60 -8.71 10.54
C LEU A 52 9.59 -7.60 10.80
N LYS A 53 8.30 -7.90 10.61
CA LYS A 53 7.23 -6.93 10.84
C LYS A 53 6.35 -7.49 11.94
N ILE A 54 6.06 -6.65 12.92
CA ILE A 54 5.30 -7.04 14.08
C ILE A 54 4.09 -6.14 14.23
N THR A 55 2.93 -6.82 14.28
CA THR A 55 1.70 -6.11 14.58
CA THR A 55 1.63 -6.19 14.46
C THR A 55 0.97 -6.79 15.74
N HIS A 56 -0.30 -6.51 15.95
CA HIS A 56 -1.00 -7.00 17.10
C HIS A 56 -2.45 -7.22 16.71
N THR A 57 -3.08 -8.17 17.40
CA THR A 57 -4.46 -8.54 17.15
C THR A 57 -5.47 -7.39 17.28
N ILE A 58 -5.12 -6.38 18.06
CA ILE A 58 -5.92 -5.15 18.14
C ILE A 58 -6.08 -4.48 16.77
N ARG A 59 -5.04 -4.58 15.92
CA ARG A 59 -5.05 -3.99 14.59
C ARG A 59 -5.59 -4.95 13.52
N ARG A 60 -5.08 -6.17 13.50
CA ARG A 60 -5.53 -7.13 12.50
C ARG A 60 -5.31 -8.55 12.97
N SER A 61 -6.22 -9.44 12.58
CA SER A 61 -6.13 -10.83 12.97
C SER A 61 -5.00 -11.53 12.21
N SER A 62 -4.52 -12.62 12.79
CA SER A 62 -3.54 -13.46 12.12
C SER A 62 -4.05 -13.95 10.80
N THR A 63 -5.31 -14.34 10.75
CA THR A 63 -5.82 -14.89 9.52
C THR A 63 -5.93 -13.84 8.40
N TYR A 64 -6.24 -12.60 8.74
CA TYR A 64 -6.28 -11.54 7.75
C TYR A 64 -4.90 -11.38 7.13
N ILE A 65 -3.88 -11.39 7.99
CA ILE A 65 -2.50 -11.29 7.53
C ILE A 65 -2.11 -12.49 6.69
N LEU A 66 -2.54 -13.68 7.10
CA LEU A 66 -2.28 -14.86 6.28
C LEU A 66 -2.85 -14.74 4.87
N GLY A 67 -3.95 -14.01 4.69
CA GLY A 67 -4.46 -13.73 3.34
C GLY A 67 -3.51 -12.93 2.48
N GLU A 68 -2.81 -11.97 3.06
CA GLU A 68 -1.72 -11.25 2.34
C GLU A 68 -0.60 -12.22 1.97
N MET A 69 -0.17 -13.02 2.93
CA MET A 69 0.96 -13.92 2.73
CA MET A 69 0.97 -13.91 2.72
C MET A 69 0.64 -14.93 1.65
N ASP A 70 -0.58 -15.48 1.68
CA ASP A 70 -1.00 -16.43 0.65
C ASP A 70 -0.99 -15.79 -0.75
N TRP A 71 -1.48 -14.57 -0.88
CA TRP A 71 -1.51 -13.89 -2.17
C TRP A 71 -0.10 -13.60 -2.67
N ILE A 72 0.77 -13.10 -1.82
CA ILE A 72 2.15 -12.83 -2.23
C ILE A 72 2.84 -14.11 -2.73
N ARG A 73 2.61 -15.22 -2.03
CA ARG A 73 3.17 -16.50 -2.47
C ARG A 73 2.62 -16.88 -3.86
N TYR A 74 1.31 -16.69 -4.07
CA TYR A 74 0.70 -16.93 -5.36
C TYR A 74 1.37 -16.08 -6.47
N LEU A 75 1.57 -14.80 -6.20
CA LEU A 75 2.24 -13.93 -7.17
C LEU A 75 3.66 -14.43 -7.49
N SER A 76 4.39 -14.83 -6.46
CA SER A 76 5.76 -15.28 -6.64
CA SER A 76 5.77 -15.29 -6.66
C SER A 76 5.83 -16.55 -7.49
N GLN A 77 4.85 -17.43 -7.31
CA GLN A 77 4.78 -18.69 -8.07
CA GLN A 77 4.76 -18.69 -8.06
C GLN A 77 4.35 -18.49 -9.50
N HIS A 78 3.88 -17.28 -9.82
CA HIS A 78 3.50 -16.89 -11.16
C HIS A 78 4.45 -15.85 -11.75
N GLY A 79 5.70 -15.90 -11.33
CA GLY A 79 6.77 -15.17 -12.00
C GLY A 79 6.74 -13.67 -11.77
N ILE A 80 6.26 -13.26 -10.60
CA ILE A 80 6.33 -11.86 -10.20
C ILE A 80 7.33 -11.76 -9.08
N SER A 81 8.29 -10.84 -9.22
CA SER A 81 9.31 -10.63 -8.22
CA SER A 81 9.30 -10.64 -8.20
C SER A 81 8.73 -9.80 -7.07
N VAL A 82 8.61 -10.41 -5.90
CA VAL A 82 8.05 -9.80 -4.70
C VAL A 82 8.97 -10.20 -3.55
N ALA A 83 8.90 -9.43 -2.47
CA ALA A 83 9.60 -9.86 -1.25
C ALA A 83 8.81 -10.99 -0.62
N LYS A 84 9.36 -12.19 -0.72
CA LYS A 84 8.64 -13.40 -0.36
C LYS A 84 8.55 -13.60 1.14
N PRO A 85 7.42 -14.13 1.61
CA PRO A 85 7.33 -14.54 3.01
C PRO A 85 8.35 -15.63 3.34
N VAL A 86 8.76 -15.67 4.60
CA VAL A 86 9.69 -16.66 5.14
C VAL A 86 9.01 -17.41 6.27
N LEU A 87 8.95 -18.74 6.17
CA LEU A 87 8.36 -19.56 7.21
C LEU A 87 9.22 -19.51 8.45
N SER A 88 8.57 -19.53 9.61
CA SER A 88 9.26 -19.70 10.87
C SER A 88 9.80 -21.12 10.93
N ALA A 89 10.62 -21.37 11.94
CA ALA A 89 11.15 -22.72 12.17
C ALA A 89 10.03 -23.76 12.37
N ARG A 90 8.84 -23.32 12.78
CA ARG A 90 7.67 -24.20 12.96
C ARG A 90 6.76 -24.36 11.73
N GLY A 91 7.21 -23.84 10.58
CA GLY A 91 6.45 -23.94 9.33
C GLY A 91 5.27 -23.00 9.21
N LYS A 92 5.29 -21.91 9.96
CA LYS A 92 4.20 -20.92 9.94
C LYS A 92 4.60 -19.60 9.28
N ASP A 93 3.64 -19.02 8.54
CA ASP A 93 3.79 -17.69 7.94
C ASP A 93 3.64 -16.54 8.93
N VAL A 94 2.81 -16.73 9.95
CA VAL A 94 2.60 -15.75 11.00
C VAL A 94 2.75 -16.49 12.32
N GLU A 95 3.55 -15.92 13.21
CA GLU A 95 3.77 -16.46 14.56
C GLU A 95 3.12 -15.54 15.59
N ALA A 96 2.29 -16.12 16.45
CA ALA A 96 1.61 -15.35 17.47
C ALA A 96 2.31 -15.55 18.80
N ILE A 97 2.50 -14.45 19.51
CA ILE A 97 3.10 -14.46 20.85
C ILE A 97 2.02 -13.89 21.74
N PRO A 98 1.39 -14.72 22.58
CA PRO A 98 0.36 -14.17 23.45
C PRO A 98 0.92 -13.04 24.31
N ASP A 99 0.07 -12.05 24.56
CA ASP A 99 0.45 -10.88 25.34
C ASP A 99 0.00 -10.97 26.79
N GLN A 100 -0.61 -12.09 27.14
CA GLN A 100 -1.10 -12.33 28.49
C GLN A 100 -2.29 -11.49 28.83
N ALA A 101 -2.94 -10.92 27.84
CA ALA A 101 -4.11 -10.01 27.95
C ALA A 101 -5.28 -10.39 27.03
N GLY A 102 -5.21 -11.58 26.43
CA GLY A 102 -6.25 -12.02 25.49
C GLY A 102 -5.92 -11.73 24.02
N GLY A 103 -4.88 -10.94 23.78
CA GLY A 103 -4.43 -10.65 22.42
C GLY A 103 -3.11 -11.32 22.14
N ALA A 104 -2.50 -10.91 21.03
CA ALA A 104 -1.23 -11.49 20.63
C ALA A 104 -0.49 -10.53 19.73
N PHE A 105 0.82 -10.48 19.91
CA PHE A 105 1.70 -9.90 18.91
C PHE A 105 1.86 -10.89 17.80
N LEU A 106 1.82 -10.38 16.56
CA LEU A 106 1.82 -11.19 15.36
C LEU A 106 3.10 -10.85 14.59
N LEU A 107 3.96 -11.85 14.44
CA LEU A 107 5.27 -11.70 13.83
C LEU A 107 5.21 -12.34 12.45
N ARG A 108 5.84 -11.70 11.49
CA ARG A 108 6.07 -12.35 10.21
C ARG A 108 7.32 -11.78 9.60
N VAL A 109 7.90 -12.56 8.67
CA VAL A 109 9.18 -12.24 8.08
C VAL A 109 9.10 -12.37 6.58
N TYR A 110 9.80 -11.44 5.92
CA TYR A 110 9.96 -11.49 4.47
C TYR A 110 11.44 -11.42 4.14
N GLU A 111 11.78 -11.94 2.97
CA GLU A 111 13.09 -11.68 2.40
C GLU A 111 13.29 -10.17 2.19
N LYS A 112 14.50 -9.66 2.46
CA LYS A 112 14.81 -8.26 2.14
C LYS A 112 14.98 -8.16 0.64
N ALA A 113 14.18 -7.32 0.00
CA ALA A 113 14.28 -7.10 -1.45
C ALA A 113 15.67 -6.58 -1.79
N PRO A 114 16.29 -7.09 -2.86
CA PRO A 114 17.58 -6.55 -3.27
C PRO A 114 17.48 -5.13 -3.80
N GLY A 115 18.63 -4.49 -3.96
CA GLY A 115 18.67 -3.11 -4.35
C GLY A 115 18.17 -2.18 -3.26
N ARG A 116 17.65 -1.05 -3.69
CA ARG A 116 17.13 -0.06 -2.75
C ARG A 116 16.14 0.84 -3.46
N LYS A 117 15.67 1.85 -2.76
CA LYS A 117 14.64 2.72 -3.31
C LYS A 117 15.16 3.59 -4.44
N VAL A 118 14.27 3.98 -5.32
CA VAL A 118 14.65 4.82 -6.46
C VAL A 118 15.27 6.15 -6.03
N THR A 119 16.22 6.59 -6.84
CA THR A 119 16.97 7.81 -6.66
C THR A 119 16.70 8.76 -7.82
N GLU A 120 17.29 9.96 -7.78
CA GLU A 120 17.13 10.93 -8.84
C GLU A 120 17.54 10.33 -10.19
N ALA A 121 18.67 9.61 -10.20
CA ALA A 121 19.15 8.98 -11.45
C ALA A 121 18.20 8.00 -12.08
N ASP A 122 17.31 7.42 -11.26
CA ASP A 122 16.33 6.42 -11.69
C ASP A 122 15.01 7.03 -12.17
N TRP A 123 14.78 8.31 -11.89
CA TRP A 123 13.45 8.90 -12.04
C TRP A 123 13.25 9.35 -13.46
N ASN A 124 12.70 8.46 -14.29
CA ASN A 124 12.59 8.70 -15.73
C ASN A 124 11.58 7.76 -16.34
N GLY A 125 11.39 7.88 -17.65
CA GLY A 125 10.39 7.10 -18.33
C GLY A 125 10.62 5.61 -18.31
N GLN A 126 11.86 5.17 -18.24
CA GLN A 126 12.14 3.76 -18.13
C GLN A 126 11.60 3.19 -16.82
N LEU A 127 11.79 3.91 -15.71
CA LEU A 127 11.17 3.49 -14.45
C LEU A 127 9.66 3.44 -14.56
N PHE A 128 9.10 4.47 -15.16
CA PHE A 128 7.64 4.55 -15.26
C PHE A 128 7.10 3.40 -16.09
N GLN A 129 7.77 3.07 -17.20
CA GLN A 129 7.34 1.91 -17.99
C GLN A 129 7.50 0.60 -17.20
N ALA A 130 8.58 0.45 -16.47
CA ALA A 130 8.81 -0.75 -15.66
C ALA A 130 7.69 -0.92 -14.61
N LEU A 131 7.28 0.20 -14.02
CA LEU A 131 6.16 0.17 -13.06
C LEU A 131 4.88 -0.26 -13.74
N GLY A 132 4.67 0.19 -14.98
CA GLY A 132 3.47 -0.19 -15.72
C GLY A 132 3.44 -1.68 -15.99
N ALA A 133 4.54 -2.22 -16.51
CA ALA A 133 4.60 -3.65 -16.78
C ALA A 133 4.47 -4.49 -15.52
N TYR A 134 5.06 -4.02 -14.42
CA TYR A 134 5.01 -4.75 -13.15
C TYR A 134 3.56 -4.81 -12.65
N THR A 135 2.89 -3.65 -12.69
CA THR A 135 1.51 -3.55 -12.22
C THR A 135 0.59 -4.36 -13.14
N GLY A 136 0.82 -4.26 -14.46
CA GLY A 136 0.04 -5.04 -15.39
C GLY A 136 0.15 -6.55 -15.18
N ARG A 137 1.33 -7.04 -14.87
CA ARG A 137 1.50 -8.47 -14.63
C ARG A 137 0.76 -8.86 -13.36
N MET A 138 0.80 -7.99 -12.37
CA MET A 138 0.12 -8.23 -11.10
C MET A 138 -1.39 -8.35 -11.31
N HIS A 139 -1.94 -7.48 -12.16
CA HIS A 139 -3.36 -7.50 -12.44
C HIS A 139 -3.76 -8.70 -13.28
N GLN A 140 -2.98 -9.02 -14.30
CA GLN A 140 -3.29 -10.17 -15.12
C GLN A 140 -3.26 -11.46 -14.30
N THR A 141 -2.28 -11.57 -13.41
CA THR A 141 -2.11 -12.74 -12.57
C THR A 141 -3.23 -12.90 -11.53
N THR A 142 -3.64 -11.78 -10.96
CA THR A 142 -4.59 -11.83 -9.85
C THR A 142 -5.97 -12.32 -10.28
N LYS A 143 -6.25 -12.21 -11.57
CA LYS A 143 -7.55 -12.62 -12.09
C LYS A 143 -7.90 -14.07 -11.75
N GLN A 144 -6.89 -14.94 -11.65
CA GLN A 144 -7.10 -16.36 -11.42
CA GLN A 144 -7.10 -16.38 -11.42
C GLN A 144 -6.95 -16.76 -9.94
N TYR A 145 -6.63 -15.81 -9.08
CA TYR A 145 -6.43 -16.09 -7.66
C TYR A 145 -7.74 -16.41 -6.94
N GLN A 146 -7.74 -17.47 -6.16
CA GLN A 146 -8.91 -17.88 -5.36
C GLN A 146 -8.48 -18.01 -3.91
N VAL A 147 -9.27 -17.40 -3.04
CA VAL A 147 -9.05 -17.44 -1.60
C VAL A 147 -9.22 -18.90 -1.13
N LYS A 148 -8.29 -19.39 -0.32
CA LYS A 148 -8.29 -20.79 0.18
C LYS A 148 -8.97 -20.99 1.53
N ASP A 149 -9.24 -19.93 2.25
CA ASP A 149 -9.88 -20.03 3.57
C ASP A 149 -10.68 -18.76 3.74
N PRO A 150 -11.94 -18.84 4.19
CA PRO A 150 -12.72 -17.59 4.26
C PRO A 150 -12.19 -16.55 5.23
N ARG A 151 -11.45 -17.00 6.25
CA ARG A 151 -10.85 -16.10 7.20
C ARG A 151 -9.75 -15.25 6.60
N TYR A 152 -9.20 -15.72 5.47
CA TYR A 152 -8.09 -15.05 4.79
C TYR A 152 -8.56 -13.97 3.80
N LYS A 153 -9.86 -13.83 3.59
CA LYS A 153 -10.37 -12.93 2.58
C LYS A 153 -10.02 -11.49 2.91
N ARG A 154 -9.36 -10.84 1.96
CA ARG A 154 -9.01 -9.44 2.10
C ARG A 154 -10.22 -8.53 1.86
N GLN A 155 -10.15 -7.33 2.41
CA GLN A 155 -11.28 -6.40 2.35
C GLN A 155 -11.59 -5.93 0.93
N GLU A 156 -12.84 -5.52 0.72
CA GLU A 156 -13.21 -4.77 -0.46
C GLU A 156 -12.82 -3.32 -0.23
N TRP A 157 -12.59 -2.59 -1.31
CA TRP A 157 -12.13 -1.20 -1.27
C TRP A 157 -12.95 -0.33 -0.30
N TYR A 158 -14.26 -0.50 -0.32
CA TYR A 158 -15.16 0.39 0.45
C TYR A 158 -15.18 0.07 1.94
N GLU A 159 -14.61 -1.06 2.34
CA GLU A 159 -14.48 -1.44 3.75
C GLU A 159 -13.29 -0.78 4.43
N GLU A 160 -12.43 -0.11 3.67
CA GLU A 160 -11.25 0.52 4.23
C GLU A 160 -11.63 1.47 5.36
N GLU A 161 -11.10 1.21 6.56
CA GLU A 161 -11.41 2.01 7.75
C GLU A 161 -11.07 3.47 7.55
N GLN A 162 -9.99 3.74 6.81
CA GLN A 162 -9.55 5.10 6.63
C GLN A 162 -10.41 5.93 5.67
N LEU A 163 -11.40 5.30 5.00
CA LEU A 163 -12.39 6.04 4.23
C LEU A 163 -13.50 6.58 5.10
N LYS A 164 -13.59 6.10 6.36
CA LYS A 164 -14.66 6.53 7.28
C LYS A 164 -14.23 7.89 7.87
N LEU A 165 -14.27 8.94 7.06
CA LEU A 165 -13.70 10.23 7.46
C LEU A 165 -14.34 10.81 8.69
N GLU A 166 -15.62 10.51 8.89
CA GLU A 166 -16.31 10.97 10.11
C GLU A 166 -15.62 10.54 11.40
N THR A 167 -14.83 9.47 11.36
CA THR A 167 -14.06 8.92 12.49
CA THR A 167 -14.15 9.06 12.59
C THR A 167 -12.83 9.78 12.83
N TYR A 168 -12.39 10.56 11.83
CA TYR A 168 -11.09 11.23 11.88
C TYR A 168 -11.12 12.74 11.85
N ILE A 169 -12.11 13.33 11.19
CA ILE A 169 -12.13 14.76 10.93
C ILE A 169 -13.21 15.46 11.76
N PRO A 170 -13.08 16.78 11.93
CA PRO A 170 -14.09 17.51 12.70
C PRO A 170 -15.49 17.36 12.14
N SER A 171 -16.45 17.16 13.05
CA SER A 171 -17.83 16.93 12.67
C SER A 171 -18.53 18.14 12.04
N ASP A 172 -17.94 19.33 12.20
CA ASP A 172 -18.48 20.54 11.53
C ASP A 172 -18.10 20.65 10.08
N GLN A 173 -17.24 19.74 9.60
CA GLN A 173 -16.87 19.73 8.20
C GLN A 173 -17.86 18.91 7.37
N THR A 174 -19.09 19.39 7.39
CA THR A 174 -20.19 18.70 6.77
C THR A 174 -20.06 18.67 5.24
N VAL A 175 -19.47 19.72 4.65
CA VAL A 175 -19.28 19.74 3.20
C VAL A 175 -18.26 18.67 2.78
N VAL A 176 -17.13 18.57 3.49
CA VAL A 176 -16.17 17.52 3.19
C VAL A 176 -16.84 16.14 3.26
N LEU A 177 -17.61 15.92 4.32
CA LEU A 177 -18.29 14.62 4.48
C LEU A 177 -19.31 14.36 3.37
N GLN A 178 -20.04 15.41 2.94
CA GLN A 178 -20.97 15.32 1.79
C GLN A 178 -20.20 14.92 0.53
N ARG A 179 -19.05 15.57 0.30
CA ARG A 179 -18.25 15.28 -0.90
C ARG A 179 -17.84 13.81 -0.93
N LYS A 180 -17.37 13.35 0.21
CA LYS A 180 -16.92 11.95 0.34
C LYS A 180 -18.08 10.98 0.13
N ASP A 181 -19.21 11.26 0.77
CA ASP A 181 -20.37 10.38 0.62
C ASP A 181 -20.84 10.30 -0.83
N GLU A 182 -20.89 11.46 -1.47
CA GLU A 182 -21.32 11.52 -2.86
C GLU A 182 -20.36 10.80 -3.81
N LEU A 183 -19.05 10.98 -3.58
CA LEU A 183 -18.09 10.27 -4.41
C LEU A 183 -18.18 8.75 -4.22
N MET A 184 -18.34 8.30 -3.00
CA MET A 184 -18.50 6.88 -2.75
C MET A 184 -19.71 6.35 -3.50
N GLN A 185 -20.81 7.07 -3.48
CA GLN A 185 -22.01 6.65 -4.19
C GLN A 185 -21.71 6.54 -5.69
N LYS A 186 -20.96 7.50 -6.24
CA LYS A 186 -20.60 7.46 -7.65
C LYS A 186 -19.72 6.27 -7.99
N LEU A 187 -18.71 5.99 -7.16
CA LEU A 187 -17.84 4.86 -7.41
C LEU A 187 -18.59 3.55 -7.28
N HIS A 188 -19.57 3.47 -6.38
CA HIS A 188 -20.37 2.24 -6.25
C HIS A 188 -21.21 1.95 -7.50
N GLN A 189 -21.35 2.92 -8.39
CA GLN A 189 -22.06 2.74 -9.66
C GLN A 189 -21.21 2.05 -10.73
N LEU A 190 -19.91 1.88 -10.49
CA LEU A 190 -19.05 1.23 -11.46
C LEU A 190 -19.28 -0.27 -11.50
N ARG A 191 -19.15 -0.83 -12.69
CA ARG A 191 -19.33 -2.26 -12.89
C ARG A 191 -18.12 -3.05 -12.39
N ILE A 192 -18.38 -4.25 -11.93
CA ILE A 192 -17.36 -5.14 -11.41
C ILE A 192 -17.37 -6.44 -12.21
N SER A 193 -16.17 -6.89 -12.59
CA SER A 193 -15.97 -8.15 -13.28
C SER A 193 -14.51 -8.55 -13.10
N LYS A 194 -14.22 -9.81 -13.42
CA LYS A 194 -12.86 -10.38 -13.36
CA LYS A 194 -12.85 -10.33 -13.30
C LYS A 194 -11.84 -9.55 -14.14
N ASP A 195 -12.28 -8.94 -15.24
CA ASP A 195 -11.32 -8.20 -16.07
C ASP A 195 -11.05 -6.79 -15.64
N VAL A 196 -11.76 -6.28 -14.63
CA VAL A 196 -11.59 -4.89 -14.21
C VAL A 196 -11.36 -4.67 -12.72
N TYR A 197 -11.46 -5.75 -11.93
CA TYR A 197 -11.53 -5.63 -10.47
C TYR A 197 -10.95 -6.91 -9.89
N GLY A 198 -10.11 -6.77 -8.86
CA GLY A 198 -9.51 -7.94 -8.23
C GLY A 198 -8.63 -7.56 -7.06
N LEU A 199 -7.92 -8.54 -6.51
CA LEU A 199 -7.05 -8.30 -5.39
C LEU A 199 -5.80 -7.60 -5.90
N VAL A 200 -5.50 -6.44 -5.32
CA VAL A 200 -4.37 -5.61 -5.70
C VAL A 200 -3.59 -5.15 -4.50
N HIS A 201 -2.36 -4.67 -4.75
CA HIS A 201 -1.46 -4.21 -3.71
C HIS A 201 -2.08 -3.05 -2.93
N ALA A 202 -2.56 -2.05 -3.65
CA ALA A 202 -3.33 -0.93 -3.10
C ALA A 202 -2.54 0.13 -2.34
N ASP A 203 -1.22 0.05 -2.37
CA ASP A 203 -0.36 1.09 -1.75
C ASP A 203 0.93 1.18 -2.56
N LEU A 204 0.81 1.22 -3.88
CA LEU A 204 1.99 1.31 -4.71
C LEU A 204 2.55 2.74 -4.71
N HIS A 205 3.85 2.82 -4.42
CA HIS A 205 4.63 4.03 -4.48
C HIS A 205 6.07 3.65 -4.26
N HIS A 206 6.93 4.62 -4.50
CA HIS A 206 8.38 4.41 -4.45
C HIS A 206 9.01 4.33 -3.07
N GLY A 207 8.21 4.41 -2.03
CA GLY A 207 8.60 3.92 -0.72
C GLY A 207 8.34 2.45 -0.45
N ASN A 208 7.66 1.77 -1.37
CA ASN A 208 7.20 0.40 -1.17
C ASN A 208 7.73 -0.59 -2.23
N PHE A 209 8.79 -0.19 -2.93
CA PHE A 209 9.50 -1.15 -3.79
C PHE A 209 10.95 -0.79 -3.86
N HIS A 210 11.76 -1.79 -4.23
CA HIS A 210 13.14 -1.54 -4.60
C HIS A 210 13.32 -1.69 -6.09
N TYR A 211 14.37 -1.04 -6.58
CA TYR A 211 14.73 -1.07 -7.98
C TYR A 211 16.11 -1.73 -8.01
N HIS A 212 16.21 -2.83 -8.73
CA HIS A 212 17.43 -3.61 -8.73
C HIS A 212 17.70 -4.11 -10.15
N GLN A 213 18.80 -3.66 -10.75
CA GLN A 213 19.16 -4.05 -12.11
C GLN A 213 17.99 -3.82 -13.09
N GLY A 214 17.31 -2.69 -12.92
CA GLY A 214 16.20 -2.29 -13.79
C GLY A 214 14.87 -2.96 -13.52
N GLU A 215 14.79 -3.74 -12.45
CA GLU A 215 13.58 -4.49 -12.13
C GLU A 215 12.99 -4.00 -10.84
N ILE A 216 11.66 -4.11 -10.77
CA ILE A 216 10.88 -3.69 -9.61
C ILE A 216 10.70 -4.91 -8.68
N ILE A 217 10.87 -4.71 -7.38
CA ILE A 217 10.56 -5.74 -6.35
C ILE A 217 9.75 -5.05 -5.27
N ALA A 218 8.45 -5.34 -5.23
CA ALA A 218 7.56 -4.70 -4.27
C ALA A 218 7.51 -5.43 -2.94
N PHE A 219 7.17 -4.65 -1.92
CA PHE A 219 6.94 -5.12 -0.56
C PHE A 219 5.80 -4.29 0.04
N ASP A 220 5.57 -4.47 1.34
CA ASP A 220 4.50 -3.78 2.06
C ASP A 220 3.12 -3.95 1.42
N PHE A 221 2.67 -5.19 1.40
CA PHE A 221 1.37 -5.55 0.91
C PHE A 221 0.28 -5.44 1.98
N ASP A 222 0.60 -4.75 3.08
CA ASP A 222 -0.33 -4.81 4.18
CA ASP A 222 -0.29 -4.50 4.27
C ASP A 222 -1.73 -4.13 3.94
N ASP A 223 -1.86 -3.31 2.89
CA ASP A 223 -3.16 -2.76 2.55
C ASP A 223 -3.83 -3.46 1.35
N CYS A 224 -3.30 -4.61 0.95
CA CYS A 224 -3.88 -5.26 -0.21
C CYS A 224 -5.34 -5.61 0.00
N GLY A 225 -6.11 -5.46 -1.04
CA GLY A 225 -7.54 -5.74 -1.01
C GLY A 225 -8.14 -5.64 -2.40
N TYR A 226 -9.47 -5.77 -2.49
CA TYR A 226 -10.15 -5.85 -3.77
C TYR A 226 -10.54 -4.48 -4.25
N HIS A 227 -10.05 -4.13 -5.44
CA HIS A 227 -10.21 -2.83 -6.04
C HIS A 227 -10.40 -2.94 -7.51
N TRP A 228 -10.92 -1.87 -8.12
CA TRP A 228 -10.77 -1.74 -9.57
C TRP A 228 -9.26 -1.61 -9.87
N PHE A 229 -8.84 -2.27 -10.95
CA PHE A 229 -7.46 -2.17 -11.40
C PHE A 229 -7.09 -0.71 -11.62
N ILE A 230 -8.01 0.10 -12.12
CA ILE A 230 -7.70 1.50 -12.35
C ILE A 230 -7.45 2.26 -11.04
N ASN A 231 -7.96 1.78 -9.90
CA ASN A 231 -7.67 2.42 -8.61
C ASN A 231 -6.25 2.10 -8.17
N ASP A 232 -5.77 0.89 -8.39
CA ASP A 232 -4.38 0.56 -8.08
C ASP A 232 -3.45 1.54 -8.85
N ILE A 233 -3.75 1.73 -10.14
CA ILE A 233 -3.03 2.68 -10.98
C ILE A 233 -3.15 4.10 -10.45
N SER A 234 -4.36 4.53 -10.13
CA SER A 234 -4.60 5.87 -9.64
C SER A 234 -3.85 6.19 -8.35
N ILE A 235 -3.77 5.22 -7.45
CA ILE A 235 -3.06 5.38 -6.19
C ILE A 235 -1.58 5.63 -6.48
N LEU A 236 -0.99 4.86 -7.40
CA LEU A 236 0.42 5.07 -7.77
C LEU A 236 0.59 6.46 -8.36
N LEU A 237 -0.29 6.85 -9.29
CA LEU A 237 -0.23 8.21 -9.84
C LEU A 237 -0.34 9.29 -8.76
N TYR A 238 -1.27 9.14 -7.83
CA TYR A 238 -1.42 10.11 -6.74
C TYR A 238 -0.06 10.27 -6.05
N ASN A 239 0.58 9.14 -5.78
CA ASN A 239 1.80 9.13 -5.00
C ASN A 239 3.00 9.71 -5.74
N VAL A 240 3.12 9.43 -7.03
CA VAL A 240 4.20 10.07 -7.79
C VAL A 240 3.98 11.56 -7.99
N LEU A 241 2.72 12.01 -8.03
CA LEU A 241 2.44 13.44 -8.08
C LEU A 241 2.70 14.15 -6.74
N TRP A 242 2.51 13.42 -5.65
CA TRP A 242 2.63 13.98 -4.29
C TRP A 242 4.09 14.16 -3.89
N TYR A 243 4.87 13.09 -4.07
CA TYR A 243 6.28 13.08 -3.71
C TYR A 243 7.19 12.67 -4.86
N PRO A 244 7.20 13.49 -5.92
CA PRO A 244 8.10 13.15 -7.03
C PRO A 244 9.55 13.23 -6.56
N VAL A 245 10.38 12.33 -7.11
CA VAL A 245 11.79 12.29 -6.71
C VAL A 245 12.53 13.52 -7.23
N ILE A 246 12.14 14.01 -8.42
CA ILE A 246 12.64 15.25 -9.01
C ILE A 246 11.42 16.17 -9.17
N PRO A 247 11.50 17.43 -8.73
CA PRO A 247 10.33 18.30 -8.93
C PRO A 247 9.97 18.46 -10.41
N TYR A 248 8.68 18.55 -10.68
CA TYR A 248 8.20 18.81 -12.04
C TYR A 248 7.81 20.27 -12.19
N GLU A 249 8.07 20.81 -13.37
CA GLU A 249 7.76 22.22 -13.70
C GLU A 249 6.27 22.43 -13.97
N ASP A 250 5.63 21.39 -14.52
CA ASP A 250 4.22 21.50 -14.93
C ASP A 250 3.49 20.20 -14.62
N LYS A 251 2.53 20.28 -13.73
CA LYS A 251 1.88 19.09 -13.21
C LYS A 251 1.11 18.33 -14.30
N ALA A 252 0.39 19.07 -15.14
CA ALA A 252 -0.35 18.43 -16.24
C ALA A 252 0.61 17.71 -17.20
N GLU A 253 1.71 18.37 -17.55
CA GLU A 253 2.67 17.78 -18.50
C GLU A 253 3.28 16.52 -17.88
N PHE A 254 3.67 16.59 -16.60
CA PHE A 254 4.26 15.44 -15.93
C PHE A 254 3.25 14.28 -15.86
N THR A 255 2.00 14.60 -15.56
CA THR A 255 0.97 13.55 -15.51
C THR A 255 0.94 12.79 -16.84
N GLY A 256 0.91 13.54 -17.96
CA GLY A 256 0.92 12.94 -19.28
C GLY A 256 2.13 12.09 -19.57
N GLU A 257 3.31 12.60 -19.17
CA GLU A 257 4.54 11.87 -19.37
C GLU A 257 4.55 10.56 -18.57
N PHE A 258 4.21 10.66 -17.29
CA PHE A 258 4.15 9.46 -16.46
C PHE A 258 3.16 8.43 -17.03
N MET A 259 1.96 8.89 -17.35
CA MET A 259 0.95 7.98 -17.81
C MET A 259 1.29 7.35 -19.17
N SER A 260 1.90 8.12 -20.10
CA SER A 260 2.24 7.57 -21.41
CA SER A 260 2.22 7.56 -21.41
C SER A 260 3.22 6.41 -21.24
N HIS A 261 4.26 6.63 -20.44
CA HIS A 261 5.24 5.58 -20.20
C HIS A 261 4.64 4.42 -19.42
N PHE A 262 3.91 4.73 -18.36
CA PHE A 262 3.28 3.69 -17.57
C PHE A 262 2.38 2.79 -18.42
N LEU A 263 1.52 3.41 -19.22
CA LEU A 263 0.58 2.63 -20.02
C LEU A 263 1.26 1.80 -21.11
N LYS A 264 2.36 2.30 -21.65
CA LYS A 264 3.16 1.52 -22.60
C LYS A 264 3.63 0.22 -21.93
N GLY A 265 4.06 0.30 -20.69
CA GLY A 265 4.45 -0.90 -19.94
C GLY A 265 3.27 -1.77 -19.59
N TYR A 266 2.22 -1.13 -19.08
CA TYR A 266 1.01 -1.85 -18.69
C TYR A 266 0.46 -2.71 -19.81
N ARG A 267 0.44 -2.17 -21.03
CA ARG A 267 -0.07 -2.88 -22.23
C ARG A 267 0.76 -4.10 -22.61
N GLN A 268 2.01 -4.15 -22.17
CA GLN A 268 2.84 -5.35 -22.38
C GLN A 268 2.27 -6.56 -21.63
N GLU A 269 1.52 -6.30 -20.56
CA GLU A 269 1.16 -7.36 -19.58
C GLU A 269 -0.35 -7.54 -19.32
N ASN A 270 -1.17 -6.50 -19.52
CA ASN A 270 -2.60 -6.60 -19.28
C ASN A 270 -3.39 -5.69 -20.18
N GLU A 271 -4.64 -6.08 -20.43
CA GLU A 271 -5.53 -5.34 -21.29
C GLU A 271 -6.57 -4.64 -20.48
N LEU A 272 -6.45 -3.30 -20.44
CA LEU A 272 -7.36 -2.37 -19.78
C LEU A 272 -8.07 -1.44 -20.77
N ASP A 273 -9.39 -1.47 -20.77
CA ASP A 273 -10.17 -0.65 -21.68
C ASP A 273 -9.97 0.83 -21.41
N ASP A 274 -9.77 1.59 -22.49
CA ASP A 274 -9.56 3.04 -22.44
C ASP A 274 -10.61 3.82 -21.64
N ALA A 275 -11.85 3.33 -21.62
CA ALA A 275 -12.92 3.95 -20.86
C ALA A 275 -12.60 4.15 -19.38
N TRP A 276 -11.77 3.28 -18.81
CA TRP A 276 -11.38 3.39 -17.38
C TRP A 276 -10.49 4.61 -17.12
N LEU A 277 -9.77 5.08 -18.13
CA LEU A 277 -8.82 6.18 -17.92
C LEU A 277 -9.55 7.45 -17.46
N ALA A 278 -10.80 7.61 -17.91
CA ALA A 278 -11.62 8.75 -17.55
C ALA A 278 -12.01 8.78 -16.08
N THR A 279 -11.95 7.61 -15.42
CA THR A 279 -12.26 7.54 -14.00
C THR A 279 -11.12 7.92 -13.08
N ILE A 280 -9.93 8.09 -13.61
CA ILE A 280 -8.76 8.38 -12.77
C ILE A 280 -8.99 9.60 -11.86
N PRO A 281 -9.53 10.71 -12.40
CA PRO A 281 -9.71 11.85 -11.49
C PRO A 281 -10.54 11.54 -10.25
N ASP A 282 -11.57 10.71 -10.40
CA ASP A 282 -12.42 10.33 -9.26
C ASP A 282 -11.67 9.50 -8.22
N PHE A 283 -10.87 8.56 -8.67
CA PHE A 283 -10.02 7.78 -7.77
C PHE A 283 -8.90 8.64 -7.15
N LEU A 284 -8.35 9.60 -7.89
CA LEU A 284 -7.39 10.52 -7.28
C LEU A 284 -8.06 11.33 -6.15
N MET A 285 -9.31 11.76 -6.39
CA MET A 285 -10.03 12.52 -5.39
C MET A 285 -10.32 11.66 -4.15
N LEU A 286 -10.70 10.40 -4.35
CA LEU A 286 -10.92 9.51 -3.21
C LEU A 286 -9.65 9.34 -2.38
N ARG A 287 -8.51 9.25 -3.04
CA ARG A 287 -7.25 9.13 -2.31
C ARG A 287 -6.93 10.41 -1.54
N HIS A 288 -7.24 11.55 -2.14
CA HIS A 288 -7.03 12.84 -1.52
C HIS A 288 -7.85 12.93 -0.22
N MET A 289 -9.09 12.43 -0.28
CA MET A 289 -9.95 12.38 0.91
C MET A 289 -9.38 11.47 1.99
N LEU A 290 -8.92 10.28 1.60
CA LEU A 290 -8.31 9.37 2.55
C LEU A 290 -7.11 10.03 3.24
N ILE A 291 -6.25 10.66 2.45
CA ILE A 291 -5.07 11.33 3.00
C ILE A 291 -5.48 12.45 3.95
N TYR A 292 -6.53 13.20 3.61
CA TYR A 292 -7.00 14.26 4.50
C TYR A 292 -7.28 13.70 5.90
N GLY A 293 -7.99 12.58 5.96
CA GLY A 293 -8.22 11.92 7.25
C GLY A 293 -6.94 11.52 7.96
N LEU A 294 -5.99 10.95 7.20
CA LEU A 294 -4.69 10.54 7.76
C LEU A 294 -3.90 11.69 8.36
N LEU A 295 -3.98 12.85 7.74
CA LEU A 295 -3.29 14.03 8.22
C LEU A 295 -3.81 14.44 9.58
N HIS A 296 -5.09 14.22 9.82
CA HIS A 296 -5.62 14.48 11.15
C HIS A 296 -5.06 13.53 12.21
N GLN A 297 -4.78 12.28 11.85
CA GLN A 297 -4.13 11.34 12.82
C GLN A 297 -2.64 11.65 13.01
N ALA A 298 -2.07 12.10 11.88
CA ALA A 298 -0.66 12.46 11.81
C ALA A 298 -0.39 13.71 12.61
N PHE A 299 -1.24 14.71 12.45
CA PHE A 299 -0.98 15.99 13.14
C PHE A 299 -1.67 16.11 14.51
N ASP A 300 -1.01 16.78 15.46
CA ASP A 300 -1.64 17.16 16.73
C ASP A 300 -2.42 18.46 16.52
N LEU A 301 -3.75 18.33 16.40
CA LEU A 301 -4.64 19.49 16.17
C LEU A 301 -4.49 20.62 17.21
N ARG A 302 -3.95 20.30 18.39
CA ARG A 302 -3.73 21.26 19.48
C ARG A 302 -2.34 21.95 19.51
N THR A 303 -1.40 21.50 18.69
CA THR A 303 -0.09 22.16 18.52
C THR A 303 0.37 22.09 17.06
N LEU A 304 -0.46 22.64 16.16
CA LEU A 304 -0.13 22.66 14.74
C LEU A 304 0.91 23.72 14.38
N SER A 305 1.91 23.33 13.58
CA SER A 305 2.80 24.30 12.93
C SER A 305 2.02 25.04 11.85
N ALA A 306 2.54 26.19 11.43
CA ALA A 306 1.94 26.94 10.33
C ALA A 306 1.86 26.09 9.06
N ASP A 307 2.90 25.27 8.80
CA ASP A 307 2.85 24.44 7.57
C ASP A 307 1.76 23.38 7.62
N GLU A 308 1.58 22.77 8.81
CA GLU A 308 0.55 21.74 9.01
C GLU A 308 -0.86 22.32 8.87
N SER A 309 -1.09 23.47 9.51
CA SER A 309 -2.39 24.15 9.39
C SER A 309 -2.70 24.54 7.95
N ALA A 310 -1.70 25.05 7.23
CA ALA A 310 -1.86 25.39 5.82
C ALA A 310 -2.18 24.16 4.96
N MET A 311 -1.51 23.05 5.24
CA MET A 311 -1.77 21.81 4.48
C MET A 311 -3.20 21.32 4.72
N LEU A 312 -3.66 21.32 5.96
CA LEU A 312 -5.03 20.90 6.26
C LEU A 312 -6.04 21.83 5.57
N ALA A 313 -5.79 23.14 5.60
CA ALA A 313 -6.72 24.10 4.99
C ALA A 313 -6.80 23.93 3.48
N ARG A 314 -5.66 23.63 2.86
CA ARG A 314 -5.57 23.38 1.42
C ARG A 314 -6.34 22.14 1.00
N PHE A 315 -6.10 21.02 1.70
CA PHE A 315 -6.83 19.79 1.40
C PHE A 315 -8.33 20.06 1.55
N ARG A 316 -8.74 20.72 2.65
CA ARG A 316 -10.16 20.96 2.85
C ARG A 316 -10.78 21.74 1.70
N LYS A 317 -10.15 22.84 1.35
CA LYS A 317 -10.65 23.69 0.27
C LYS A 317 -10.71 22.93 -1.07
N GLU A 318 -9.67 22.15 -1.38
CA GLU A 318 -9.63 21.40 -2.63
C GLU A 318 -10.78 20.38 -2.67
N ILE A 319 -11.03 19.71 -1.54
CA ILE A 319 -12.11 18.75 -1.48
C ILE A 319 -13.48 19.46 -1.64
N GLU A 320 -13.67 20.55 -0.90
CA GLU A 320 -14.96 21.25 -0.99
C GLU A 320 -15.22 21.81 -2.39
N ASP A 321 -14.16 22.35 -2.99
CA ASP A 321 -14.29 22.97 -4.34
C ASP A 321 -14.25 21.95 -5.49
N LYS A 322 -13.89 20.71 -5.20
CA LYS A 322 -13.65 19.68 -6.20
C LYS A 322 -12.54 20.07 -7.15
N THR A 323 -11.50 20.70 -6.63
CA THR A 323 -10.33 20.97 -7.48
C THR A 323 -9.68 19.66 -7.89
N PRO A 324 -9.48 19.42 -9.21
CA PRO A 324 -8.90 18.15 -9.60
C PRO A 324 -7.50 17.99 -9.02
N ILE A 325 -7.12 16.76 -8.71
CA ILE A 325 -5.80 16.50 -8.15
C ILE A 325 -4.70 16.89 -9.17
N THR A 326 -4.96 16.64 -10.46
CA THR A 326 -4.11 17.11 -11.53
C THR A 326 -4.97 17.78 -12.60
N PRO A 327 -4.46 18.83 -13.26
CA PRO A 327 -5.24 19.44 -14.35
C PRO A 327 -5.29 18.62 -15.63
N PHE A 328 -4.52 17.55 -15.72
CA PHE A 328 -4.44 16.78 -16.96
C PHE A 328 -5.81 16.25 -17.41
N ASP A 329 -6.11 16.42 -18.69
CA ASP A 329 -7.32 15.88 -19.28
C ASP A 329 -7.00 14.47 -19.70
N PHE A 330 -7.55 13.48 -18.99
CA PHE A 330 -7.28 12.08 -19.27
C PHE A 330 -7.83 11.59 -20.59
N HIS A 331 -8.75 12.33 -21.20
CA HIS A 331 -9.20 11.99 -22.57
C HIS A 331 -8.05 12.09 -23.58
N GLN A 332 -7.01 12.85 -23.28
CA GLN A 332 -5.80 12.92 -24.14
C GLN A 332 -5.06 11.60 -24.35
N LEU A 333 -5.20 10.68 -23.40
CA LEU A 333 -4.56 9.36 -23.49
C LEU A 333 -5.27 8.41 -24.47
N THR A 334 -6.45 8.78 -24.95
CA THR A 334 -7.22 7.97 -25.91
C THR A 334 -7.04 8.51 -27.33
CA CA B . 5.32 1.37 3.51
CA CA C . 2.30 -0.47 5.31
PG ANP D . 4.25 2.42 6.22
O1G ANP D . 3.49 1.47 5.36
O2G ANP D . 3.49 3.57 6.80
O3G ANP D . 5.50 2.83 5.42
PB ANP D . 4.94 -0.10 7.75
O1B ANP D . 5.02 -0.36 9.23
O2B ANP D . 3.88 -0.82 6.99
N3B ANP D . 4.89 1.59 7.58
PA ANP D . 6.90 -1.04 5.76
O1A ANP D . 6.43 -2.42 5.51
O2A ANP D . 6.73 0.02 4.75
O3A ANP D . 6.40 -0.55 7.19
O5' ANP D . 8.43 -1.15 6.13
C5' ANP D . 9.20 -0.01 6.55
C4' ANP D . 10.48 0.08 5.74
O4' ANP D . 11.26 -1.12 5.86
C3' ANP D . 10.28 0.29 4.24
O3' ANP D . 10.01 1.65 3.89
C2' ANP D . 11.57 -0.24 3.67
O2' ANP D . 12.61 0.73 3.78
C1' ANP D . 11.83 -1.41 4.57
N9 ANP D . 11.23 -2.68 4.12
C8 ANP D . 10.04 -3.25 4.48
N7 ANP D . 9.86 -4.43 3.91
C5 ANP D . 10.93 -4.62 3.12
C6 ANP D . 11.40 -5.71 2.30
N6 ANP D . 10.68 -6.80 2.15
N1 ANP D . 12.56 -5.57 1.65
C2 ANP D . 13.33 -4.47 1.80
N3 ANP D . 13.01 -3.44 2.60
C4 ANP D . 11.83 -3.47 3.25
CAO UAM E . 2.93 8.08 0.52
CAW UAM E . 4.18 8.07 -0.32
CAM UAM E . 4.12 8.55 -1.62
CAK UAM E . 5.29 8.54 -2.40
CAL UAM E . 6.45 8.03 -1.86
CAV UAM E . 6.52 7.57 -0.55
OAH UAM E . 7.67 7.09 -0.02
CAX UAM E . 5.35 7.59 0.21
CAU UAM E . 5.37 7.07 1.61
OAG UAM E . 6.27 6.40 2.06
OAR UAM E . 4.22 7.25 2.41
CBD UAM E . 3.30 8.26 1.99
CBC UAM E . 2.11 8.21 2.91
CAP UAM E . 2.56 8.47 4.36
CAY UAM E . 1.41 8.53 5.35
CAB UAM E . 2.01 8.68 6.75
CAA UAM E . 0.43 9.64 5.05
NAQ UAM E . 1.44 6.90 2.82
CAT UAM E . 0.26 6.77 2.24
OAF UAM E . -0.36 7.73 1.79
CBA UAM E . -0.36 5.38 2.14
OAI UAM E . 0.52 4.37 2.60
CBB UAM E . -1.64 5.31 2.99
OAJ UAM E . -2.58 6.19 2.41
CAZ UAM E . -2.28 3.92 2.98
NAD UAM E . -1.54 3.03 3.87
CAN UAM E . -3.75 3.98 3.38
CAS UAM E . -4.46 2.67 3.31
OAE UAM E . -4.32 1.92 2.36
NAC UAM E . -5.18 2.37 4.38
#